data_7Q2C
#
_entry.id   7Q2C
#
_cell.length_a   57.111
_cell.length_b   57.111
_cell.length_c   205.897
_cell.angle_alpha   90.00
_cell.angle_beta   90.00
_cell.angle_gamma   120.00
#
_symmetry.space_group_name_H-M   'P 31 2 1'
#
loop_
_entity.id
_entity.type
_entity.pdbx_description
1 polymer 'Hydroxymycolate synthase MmaA4'
2 non-polymer 'DIMETHYL SULFOXIDE'
3 non-polymer 6-methyl-2H-chromen-2-one
4 water water
#
_entity_poly.entity_id   1
_entity_poly.type   'polypeptide(L)'
_entity_poly.pdbx_seq_one_letter_code
;MGSSHYHHHHSSGLVPRGSHMAEKPISPTKTRTRFEDIQAHYDVSDDFFALFQDPTRTYSCAYFEPPELTLEEAQYAKVD
LNLDKLDLKPGMTLLDIGCGWGTTMRRAVERFDVNVIGLTLSKNQHARCEQVLASIDTNRSRQVLLQGWEDFAEPVDRIV
SIEAFEHFGHENYDDFFKRCFNIMPADGRMTVQSSVSYHPYEMAARGKKLSFETARFIKFIVTEIFPGGRLPSTEMMVEH
GEKAGFTVPEPLSLRPHYIKTLRIWGDTLQSNKDKAIEVTSEEVYNRYMKYLRGCEHYFTDEMLDCSLVTYLKPGAAA
;
_entity_poly.pdbx_strand_id   A
#
loop_
_chem_comp.id
_chem_comp.type
_chem_comp.name
_chem_comp.formula
3AV non-polymer 6-methyl-2H-chromen-2-one 'C10 H8 O2'
DMS non-polymer 'DIMETHYL SULFOXIDE' 'C2 H6 O S'
#
# COMPACT_ATOMS: atom_id res chain seq x y z
N ARG A 34 -5.54 24.91 8.94
CA ARG A 34 -5.82 25.67 7.69
C ARG A 34 -5.26 24.93 6.48
N PHE A 35 -3.98 24.56 6.51
CA PHE A 35 -3.40 23.77 5.40
C PHE A 35 -4.20 22.47 5.26
N GLU A 36 -4.75 21.98 6.37
CA GLU A 36 -5.62 20.78 6.30
C GLU A 36 -6.81 21.10 5.39
N ASP A 37 -7.46 22.24 5.62
CA ASP A 37 -8.60 22.65 4.77
C ASP A 37 -8.16 22.59 3.31
N ILE A 38 -6.98 23.14 3.01
CA ILE A 38 -6.49 23.17 1.61
C ILE A 38 -6.45 21.73 1.09
N GLN A 39 -5.94 20.82 1.92
CA GLN A 39 -5.93 19.38 1.54
C GLN A 39 -7.36 18.83 1.56
N ALA A 40 -8.17 19.25 2.53
CA ALA A 40 -9.56 18.72 2.64
C ALA A 40 -10.32 18.92 1.33
N HIS A 41 -9.93 19.94 0.54
CA HIS A 41 -10.43 20.20 -0.83
C HIS A 41 -10.34 18.91 -1.67
N TYR A 42 -9.30 18.10 -1.46
CA TYR A 42 -8.93 16.94 -2.30
C TYR A 42 -9.52 15.62 -1.75
N ASP A 43 -10.41 15.70 -0.76
CA ASP A 43 -11.16 14.53 -0.25
C ASP A 43 -12.14 14.07 -1.33
N VAL A 44 -12.22 12.76 -1.57
CA VAL A 44 -13.08 12.14 -2.61
C VAL A 44 -13.85 10.98 -1.98
N SER A 45 -15.16 10.86 -2.25
CA SER A 45 -16.03 9.80 -1.71
C SER A 45 -15.52 8.42 -2.16
N ASP A 46 -15.71 7.40 -1.31
CA ASP A 46 -15.38 5.98 -1.60
C ASP A 46 -16.10 5.56 -2.90
N ASP A 47 -17.27 6.14 -3.17
CA ASP A 47 -18.12 5.81 -4.35
C ASP A 47 -17.37 6.09 -5.66
N PHE A 48 -16.49 7.08 -5.68
CA PHE A 48 -15.71 7.44 -6.90
C PHE A 48 -14.70 6.32 -7.19
N PHE A 49 -13.93 5.93 -6.17
CA PHE A 49 -12.88 4.88 -6.25
C PHE A 49 -13.49 3.56 -6.72
N ALA A 50 -14.73 3.27 -6.31
CA ALA A 50 -15.51 2.08 -6.74
C ALA A 50 -15.63 2.05 -8.27
N LEU A 51 -15.63 3.21 -8.93
CA LEU A 51 -15.86 3.31 -10.40
C LEU A 51 -14.58 3.03 -11.19
N PHE A 52 -13.41 2.85 -10.57
CA PHE A 52 -12.17 2.46 -11.31
C PHE A 52 -11.50 1.22 -10.71
N GLN A 53 -11.80 0.87 -9.46
CA GLN A 53 -11.14 -0.27 -8.77
C GLN A 53 -11.91 -1.56 -9.08
N ASP A 54 -11.28 -2.71 -8.85
CA ASP A 54 -11.91 -4.06 -8.92
C ASP A 54 -12.97 -4.17 -7.81
N PRO A 55 -13.81 -5.23 -7.82
CA PRO A 55 -14.84 -5.38 -6.79
C PRO A 55 -14.36 -5.42 -5.32
N THR A 56 -13.10 -5.80 -5.05
CA THR A 56 -12.53 -5.81 -3.67
C THR A 56 -12.15 -4.38 -3.24
N ARG A 57 -12.14 -3.42 -4.16
CA ARG A 57 -11.82 -1.99 -3.89
C ARG A 57 -10.38 -1.87 -3.38
N THR A 58 -9.47 -2.69 -3.89
CA THR A 58 -8.03 -2.67 -3.53
C THR A 58 -7.37 -1.49 -4.24
N TYR A 59 -6.82 -0.54 -3.46
CA TYR A 59 -6.14 0.69 -3.95
C TYR A 59 -4.62 0.50 -3.82
N SER A 60 -4.09 -0.52 -4.49
CA SER A 60 -2.64 -0.84 -4.49
C SER A 60 -2.33 -1.73 -5.69
N CYS A 61 -1.04 -1.89 -6.00
CA CYS A 61 -0.51 -2.68 -7.13
C CYS A 61 -1.05 -4.13 -7.07
N ALA A 62 -1.66 -4.60 -8.14
CA ALA A 62 -2.05 -6.01 -8.31
C ALA A 62 -0.80 -6.80 -8.73
N TYR A 63 -0.87 -8.14 -8.68
CA TYR A 63 0.21 -9.07 -9.10
C TYR A 63 -0.35 -10.03 -10.15
N PHE A 64 -0.05 -9.78 -11.42
CA PHE A 64 -0.50 -10.60 -12.57
C PHE A 64 0.48 -11.76 -12.76
N GLU A 65 0.40 -12.76 -11.88
CA GLU A 65 1.08 -14.08 -12.00
C GLU A 65 0.04 -15.17 -11.75
N PRO A 66 -0.39 -15.93 -12.79
CA PRO A 66 0.10 -15.78 -14.15
C PRO A 66 -0.38 -14.50 -14.84
N PRO A 67 0.23 -14.10 -15.99
CA PRO A 67 -0.07 -12.82 -16.64
C PRO A 67 -1.55 -12.55 -17.00
N GLU A 68 -2.37 -13.60 -17.13
CA GLU A 68 -3.75 -13.49 -17.68
C GLU A 68 -4.79 -13.53 -16.57
N LEU A 69 -4.42 -13.22 -15.32
CA LEU A 69 -5.38 -13.04 -14.20
C LEU A 69 -6.18 -11.76 -14.47
N THR A 70 -7.45 -11.73 -14.07
CA THR A 70 -8.25 -10.47 -13.99
C THR A 70 -7.65 -9.59 -12.90
N LEU A 71 -7.87 -8.27 -12.95
CA LEU A 71 -7.45 -7.32 -11.89
C LEU A 71 -7.81 -7.92 -10.53
N GLU A 72 -9.08 -8.29 -10.34
CA GLU A 72 -9.59 -8.82 -9.05
C GLU A 72 -8.75 -10.02 -8.60
N GLU A 73 -8.51 -10.99 -9.48
CA GLU A 73 -7.69 -12.19 -9.17
C GLU A 73 -6.26 -11.77 -8.83
N ALA A 74 -5.69 -10.83 -9.59
CA ALA A 74 -4.32 -10.30 -9.43
C ALA A 74 -4.18 -9.61 -8.06
N GLN A 75 -5.27 -9.06 -7.54
CA GLN A 75 -5.28 -8.37 -6.22
C GLN A 75 -5.19 -9.43 -5.13
N TYR A 76 -5.89 -10.57 -5.28
CA TYR A 76 -5.75 -11.73 -4.37
C TYR A 76 -4.32 -12.30 -4.47
N ALA A 77 -3.76 -12.39 -5.68
CA ALA A 77 -2.37 -12.88 -5.88
C ALA A 77 -1.36 -11.95 -5.19
N LYS A 78 -1.58 -10.63 -5.19
CA LYS A 78 -0.70 -9.65 -4.48
C LYS A 78 -0.76 -9.89 -2.98
N VAL A 79 -1.95 -10.14 -2.43
CA VAL A 79 -2.13 -10.46 -0.99
C VAL A 79 -1.31 -11.72 -0.68
N ASP A 80 -1.43 -12.76 -1.49
CA ASP A 80 -0.73 -14.05 -1.30
C ASP A 80 0.79 -13.85 -1.42
N LEU A 81 1.24 -13.03 -2.38
CA LEU A 81 2.67 -12.68 -2.55
C LEU A 81 3.21 -12.14 -1.22
N ASN A 82 2.47 -11.23 -0.58
CA ASN A 82 2.89 -10.61 0.71
C ASN A 82 2.86 -11.67 1.81
N LEU A 83 1.73 -12.36 1.97
CA LEU A 83 1.53 -13.28 3.13
C LEU A 83 2.51 -14.46 3.06
N ASP A 84 2.81 -14.96 1.84
CA ASP A 84 3.67 -16.16 1.64
C ASP A 84 5.11 -15.86 2.08
N LYS A 85 5.49 -14.60 2.23
CA LYS A 85 6.87 -14.23 2.65
C LYS A 85 7.00 -14.19 4.18
N LEU A 86 5.90 -14.32 4.94
CA LEU A 86 5.87 -13.94 6.38
C LEU A 86 6.03 -15.14 7.31
N ASP A 87 6.21 -16.36 6.80
CA ASP A 87 6.42 -17.56 7.67
C ASP A 87 5.31 -17.62 8.72
N LEU A 88 4.05 -17.57 8.28
CA LEU A 88 2.86 -17.53 9.17
C LEU A 88 2.48 -18.96 9.58
N LYS A 89 2.38 -19.21 10.88
CA LYS A 89 1.99 -20.53 11.44
C LYS A 89 0.67 -20.39 12.19
N PRO A 90 -0.15 -21.46 12.29
CA PRO A 90 -1.42 -21.37 13.01
C PRO A 90 -1.23 -20.83 14.43
N GLY A 91 -2.11 -19.92 14.85
CA GLY A 91 -2.15 -19.38 16.21
C GLY A 91 -1.29 -18.14 16.37
N MET A 92 -0.45 -17.79 15.39
CA MET A 92 0.29 -16.51 15.41
C MET A 92 -0.70 -15.36 15.27
N THR A 93 -0.25 -14.14 15.58
CA THR A 93 -1.00 -12.88 15.33
C THR A 93 -0.29 -12.08 14.25
N LEU A 94 -1.02 -11.78 13.18
CA LEU A 94 -0.58 -10.89 12.07
C LEU A 94 -1.14 -9.48 12.31
N LEU A 95 -0.28 -8.47 12.30
CA LEU A 95 -0.67 -7.04 12.29
C LEU A 95 -0.69 -6.54 10.85
N ASP A 96 -1.81 -5.95 10.41
CA ASP A 96 -1.94 -5.29 9.09
C ASP A 96 -1.95 -3.78 9.30
N ILE A 97 -0.86 -3.09 8.93
CA ILE A 97 -0.76 -1.61 9.09
C ILE A 97 -1.31 -0.97 7.81
N GLY A 98 -2.48 -0.34 7.91
CA GLY A 98 -3.27 0.16 6.77
C GLY A 98 -4.10 -0.95 6.16
N CYS A 99 -5.08 -1.47 6.91
CA CYS A 99 -5.74 -2.76 6.60
C CYS A 99 -6.81 -2.61 5.52
N GLY A 100 -7.05 -1.39 5.04
CA GLY A 100 -7.96 -1.10 3.91
C GLY A 100 -9.37 -1.60 4.22
N TRP A 101 -9.94 -2.40 3.32
CA TRP A 101 -11.32 -2.94 3.41
C TRP A 101 -11.29 -4.34 4.04
N GLY A 102 -10.12 -4.82 4.47
CA GLY A 102 -9.97 -6.02 5.30
C GLY A 102 -9.64 -7.26 4.49
N THR A 103 -9.33 -7.11 3.20
CA THR A 103 -9.12 -8.25 2.26
C THR A 103 -7.90 -9.06 2.70
N THR A 104 -6.80 -8.41 3.07
CA THR A 104 -5.54 -9.08 3.49
C THR A 104 -5.76 -9.86 4.79
N MET A 105 -6.42 -9.26 5.76
CA MET A 105 -6.67 -9.90 7.08
C MET A 105 -7.54 -11.15 6.90
N ARG A 106 -8.64 -11.04 6.15
CA ARG A 106 -9.54 -12.20 5.91
C ARG A 106 -8.73 -13.35 5.29
N ARG A 107 -7.98 -13.03 4.22
CA ARG A 107 -7.16 -14.01 3.48
C ARG A 107 -6.18 -14.70 4.44
N ALA A 108 -5.54 -13.93 5.34
CA ALA A 108 -4.60 -14.44 6.35
C ALA A 108 -5.33 -15.45 7.26
N VAL A 109 -6.48 -15.06 7.82
CA VAL A 109 -7.24 -15.93 8.77
C VAL A 109 -7.58 -17.23 8.04
N GLU A 110 -8.15 -17.13 6.85
CA GLU A 110 -8.65 -18.27 6.04
C GLU A 110 -7.49 -19.17 5.58
N ARG A 111 -6.37 -18.60 5.11
CA ARG A 111 -5.26 -19.39 4.52
C ARG A 111 -4.34 -19.93 5.62
N PHE A 112 -4.08 -19.18 6.69
CA PHE A 112 -2.99 -19.50 7.65
C PHE A 112 -3.50 -19.76 9.08
N ASP A 113 -4.79 -19.54 9.34
CA ASP A 113 -5.43 -19.86 10.66
C ASP A 113 -4.71 -19.05 11.75
N VAL A 114 -4.56 -17.74 11.52
CA VAL A 114 -3.88 -16.79 12.44
C VAL A 114 -4.92 -15.83 13.00
N ASN A 115 -4.63 -15.27 14.18
CA ASN A 115 -5.28 -14.05 14.70
C ASN A 115 -4.82 -12.86 13.86
N VAL A 116 -5.65 -11.83 13.76
CA VAL A 116 -5.32 -10.61 12.99
C VAL A 116 -5.68 -9.39 13.83
N ILE A 117 -4.87 -8.36 13.66
CA ILE A 117 -5.12 -6.97 14.13
C ILE A 117 -4.87 -6.05 12.94
N GLY A 118 -5.85 -5.20 12.62
CA GLY A 118 -5.77 -4.21 11.54
C GLY A 118 -5.76 -2.81 12.10
N LEU A 119 -4.94 -1.94 11.54
CA LEU A 119 -4.92 -0.48 11.81
C LEU A 119 -5.39 0.24 10.56
N THR A 120 -6.39 1.12 10.71
CA THR A 120 -6.84 2.08 9.67
C THR A 120 -7.20 3.42 10.33
N LEU A 121 -7.08 4.51 9.59
CA LEU A 121 -7.50 5.86 10.03
C LEU A 121 -8.90 6.19 9.47
N SER A 122 -9.44 5.37 8.56
CA SER A 122 -10.77 5.54 7.90
C SER A 122 -11.89 4.87 8.72
N LYS A 123 -12.87 5.66 9.17
CA LYS A 123 -14.06 5.16 9.90
C LYS A 123 -14.82 4.16 9.02
N ASN A 124 -15.01 4.46 7.73
CA ASN A 124 -15.74 3.59 6.77
C ASN A 124 -15.01 2.25 6.65
N GLN A 125 -13.68 2.26 6.53
CA GLN A 125 -12.87 1.02 6.41
C GLN A 125 -12.96 0.22 7.71
N HIS A 126 -12.93 0.90 8.86
CA HIS A 126 -13.05 0.27 10.21
C HIS A 126 -14.35 -0.55 10.26
N ALA A 127 -15.48 0.08 9.92
CA ALA A 127 -16.83 -0.54 9.99
C ALA A 127 -16.89 -1.74 9.05
N ARG A 128 -16.40 -1.59 7.82
CA ARG A 128 -16.38 -2.68 6.81
C ARG A 128 -15.52 -3.85 7.34
N CYS A 129 -14.31 -3.56 7.82
CA CYS A 129 -13.36 -4.58 8.34
C CYS A 129 -14.02 -5.37 9.47
N GLU A 130 -14.66 -4.68 10.42
CA GLU A 130 -15.33 -5.32 11.59
C GLU A 130 -16.31 -6.36 11.04
N GLN A 131 -17.07 -5.99 10.03
CA GLN A 131 -18.11 -6.84 9.42
C GLN A 131 -17.45 -7.99 8.65
N VAL A 132 -16.41 -7.71 7.84
CA VAL A 132 -15.66 -8.74 7.08
C VAL A 132 -15.12 -9.79 8.07
N LEU A 133 -14.49 -9.35 9.15
CA LEU A 133 -13.82 -10.27 10.11
C LEU A 133 -14.87 -11.06 10.89
N ALA A 134 -15.98 -10.43 11.30
CA ALA A 134 -17.03 -11.11 12.09
C ALA A 134 -17.70 -12.19 11.23
N SER A 135 -17.69 -12.05 9.89
CA SER A 135 -18.29 -13.01 8.93
C SER A 135 -17.49 -14.32 8.89
N ILE A 136 -16.21 -14.31 9.27
CA ILE A 136 -15.28 -15.47 9.07
C ILE A 136 -15.63 -16.59 10.06
N ASP A 137 -15.64 -17.84 9.56
CA ASP A 137 -15.88 -19.06 10.36
C ASP A 137 -14.54 -19.51 10.96
N THR A 138 -14.27 -19.08 12.20
CA THR A 138 -12.97 -19.27 12.89
C THR A 138 -13.16 -18.98 14.39
N ASN A 139 -12.30 -19.55 15.23
CA ASN A 139 -12.21 -19.20 16.68
C ASN A 139 -11.09 -18.16 16.89
N ARG A 140 -10.37 -17.79 15.83
CA ARG A 140 -9.22 -16.87 15.96
C ARG A 140 -9.71 -15.47 16.31
N SER A 141 -8.87 -14.75 17.05
CA SER A 141 -9.06 -13.33 17.43
C SER A 141 -8.96 -12.48 16.16
N ARG A 142 -9.90 -11.56 15.99
CA ARG A 142 -9.94 -10.58 14.88
C ARG A 142 -10.27 -9.21 15.48
N GLN A 143 -9.42 -8.22 15.23
CA GLN A 143 -9.52 -6.89 15.86
C GLN A 143 -9.18 -5.85 14.79
N VAL A 144 -9.96 -4.77 14.70
CA VAL A 144 -9.62 -3.61 13.84
C VAL A 144 -9.64 -2.36 14.71
N LEU A 145 -8.58 -1.57 14.65
CA LEU A 145 -8.36 -0.38 15.51
C LEU A 145 -8.32 0.86 14.62
N LEU A 146 -9.09 1.87 14.99
CA LEU A 146 -9.07 3.21 14.35
C LEU A 146 -7.90 3.98 14.95
N GLN A 147 -6.68 3.71 14.46
CA GLN A 147 -5.46 4.40 14.96
C GLN A 147 -4.29 4.13 14.00
N GLY A 148 -3.25 4.96 14.13
CA GLY A 148 -1.98 4.77 13.42
C GLY A 148 -1.07 3.84 14.19
N TRP A 149 0.00 3.38 13.55
CA TRP A 149 1.03 2.49 14.15
C TRP A 149 1.70 3.17 15.35
N GLU A 150 1.79 4.51 15.37
CA GLU A 150 2.41 5.29 16.47
C GLU A 150 1.78 4.91 17.81
N ASP A 151 0.48 4.61 17.81
CA ASP A 151 -0.34 4.33 19.02
C ASP A 151 -0.45 2.82 19.26
N PHE A 152 0.17 2.00 18.43
CA PHE A 152 0.07 0.52 18.55
C PHE A 152 1.38 -0.02 19.12
N ALA A 153 1.28 -0.70 20.26
CA ALA A 153 2.44 -1.24 21.00
C ALA A 153 2.08 -2.58 21.66
N GLU A 154 1.37 -3.45 20.94
CA GLU A 154 1.05 -4.80 21.46
C GLU A 154 1.93 -5.80 20.73
N PRO A 155 2.40 -6.85 21.44
CA PRO A 155 3.13 -7.94 20.81
C PRO A 155 2.34 -8.60 19.66
N VAL A 156 3.00 -8.75 18.53
CA VAL A 156 2.47 -9.46 17.33
C VAL A 156 3.61 -10.30 16.76
N ASP A 157 3.28 -11.31 15.96
CA ASP A 157 4.25 -12.29 15.42
C ASP A 157 4.84 -11.75 14.12
N ARG A 158 4.00 -11.15 13.27
CA ARG A 158 4.32 -10.80 11.86
C ARG A 158 3.58 -9.51 11.51
N ILE A 159 4.10 -8.76 10.55
CA ILE A 159 3.50 -7.47 10.11
C ILE A 159 3.43 -7.44 8.60
N VAL A 160 2.30 -7.00 8.07
CA VAL A 160 2.15 -6.68 6.63
C VAL A 160 1.67 -5.22 6.52
N SER A 161 2.20 -4.48 5.55
CA SER A 161 1.77 -3.09 5.27
C SER A 161 1.84 -2.86 3.76
N ILE A 162 0.67 -2.73 3.12
CA ILE A 162 0.55 -2.63 1.64
C ILE A 162 0.14 -1.20 1.30
N GLU A 163 1.12 -0.42 0.84
CA GLU A 163 0.95 0.96 0.30
C GLU A 163 0.22 1.84 1.32
N ALA A 164 0.70 1.86 2.57
CA ALA A 164 0.40 2.85 3.63
C ALA A 164 1.65 3.71 3.94
N PHE A 165 2.84 3.15 3.73
CA PHE A 165 4.19 3.70 4.09
C PHE A 165 4.43 5.08 3.46
N GLU A 166 3.90 5.30 2.26
CA GLU A 166 4.05 6.60 1.52
C GLU A 166 3.51 7.78 2.35
N HIS A 167 2.62 7.55 3.32
CA HIS A 167 1.97 8.61 4.16
C HIS A 167 2.76 8.89 5.46
N PHE A 168 3.70 8.03 5.88
CA PHE A 168 4.32 8.11 7.23
C PHE A 168 5.20 9.37 7.37
N GLY A 169 5.94 9.73 6.31
CA GLY A 169 6.90 10.85 6.34
C GLY A 169 8.30 10.41 6.75
N HIS A 170 9.32 10.93 6.06
CA HIS A 170 10.76 10.57 6.20
C HIS A 170 11.19 10.61 7.67
N GLU A 171 10.83 11.68 8.38
CA GLU A 171 11.21 11.96 9.79
C GLU A 171 10.70 10.84 10.72
N ASN A 172 9.74 10.03 10.28
CA ASN A 172 9.08 9.01 11.13
C ASN A 172 9.59 7.61 10.82
N TYR A 173 10.46 7.42 9.82
CA TYR A 173 10.88 6.08 9.36
C TYR A 173 11.64 5.35 10.48
N ASP A 174 12.58 6.03 11.15
CA ASP A 174 13.36 5.42 12.26
C ASP A 174 12.39 4.90 13.34
N ASP A 175 11.41 5.70 13.75
CA ASP A 175 10.42 5.31 14.78
C ASP A 175 9.60 4.12 14.25
N PHE A 176 9.19 4.15 12.98
CA PHE A 176 8.38 3.05 12.37
C PHE A 176 9.13 1.72 12.52
N PHE A 177 10.36 1.64 12.00
CA PHE A 177 11.12 0.37 11.94
C PHE A 177 11.48 -0.08 13.36
N LYS A 178 11.77 0.85 14.28
CA LYS A 178 12.08 0.50 15.68
C LYS A 178 10.83 -0.14 16.31
N ARG A 179 9.65 0.46 16.10
CA ARG A 179 8.37 -0.06 16.65
C ARG A 179 8.15 -1.48 16.10
N CYS A 180 8.24 -1.67 14.79
CA CYS A 180 8.00 -2.99 14.14
C CYS A 180 8.98 -4.03 14.70
N PHE A 181 10.26 -3.70 14.83
CA PHE A 181 11.29 -4.63 15.35
C PHE A 181 10.93 -5.03 16.78
N ASN A 182 10.54 -4.05 17.59
CA ASN A 182 10.35 -4.19 19.05
C ASN A 182 9.06 -4.98 19.38
N ILE A 183 8.01 -4.90 18.57
CA ILE A 183 6.71 -5.55 18.91
C ILE A 183 6.71 -7.02 18.47
N MET A 184 7.70 -7.44 17.68
CA MET A 184 7.76 -8.81 17.12
C MET A 184 8.69 -9.68 17.94
N PRO A 185 8.49 -11.02 17.90
CA PRO A 185 9.35 -11.95 18.63
C PRO A 185 10.67 -12.14 17.88
N ALA A 186 11.53 -13.05 18.35
CA ALA A 186 12.86 -13.32 17.79
C ALA A 186 12.78 -13.71 16.30
N ASP A 187 11.72 -14.42 15.87
CA ASP A 187 11.59 -14.91 14.47
C ASP A 187 10.66 -14.01 13.64
N GLY A 188 10.43 -12.78 14.08
CA GLY A 188 9.56 -11.80 13.40
C GLY A 188 9.97 -11.53 11.97
N ARG A 189 8.98 -11.30 11.11
CA ARG A 189 9.16 -10.85 9.72
C ARG A 189 8.09 -9.81 9.39
N MET A 190 8.43 -8.90 8.49
CA MET A 190 7.50 -7.85 8.04
C MET A 190 7.69 -7.71 6.52
N THR A 191 6.59 -7.47 5.80
CA THR A 191 6.64 -6.97 4.40
C THR A 191 6.07 -5.55 4.38
N VAL A 192 6.73 -4.68 3.64
CA VAL A 192 6.20 -3.34 3.30
C VAL A 192 6.21 -3.22 1.78
N GLN A 193 5.04 -2.97 1.20
CA GLN A 193 4.86 -2.66 -0.24
C GLN A 193 4.65 -1.15 -0.34
N SER A 194 5.48 -0.45 -1.10
CA SER A 194 5.41 1.03 -1.24
C SER A 194 5.81 1.43 -2.66
N SER A 195 5.06 2.36 -3.25
CA SER A 195 5.54 3.16 -4.40
C SER A 195 6.81 3.88 -3.94
N VAL A 196 7.76 4.06 -4.86
CA VAL A 196 9.04 4.72 -4.55
C VAL A 196 9.43 5.60 -5.74
N SER A 197 10.25 6.59 -5.45
CA SER A 197 10.97 7.43 -6.43
C SER A 197 12.46 7.21 -6.20
N TYR A 198 13.31 7.85 -6.98
CA TYR A 198 14.78 7.76 -6.83
C TYR A 198 15.29 9.07 -6.23
N HIS A 199 16.44 9.03 -5.55
CA HIS A 199 17.18 10.24 -5.08
C HIS A 199 17.33 11.19 -6.26
N PRO A 200 17.22 12.53 -6.06
CA PRO A 200 17.45 13.50 -7.14
C PRO A 200 18.67 13.21 -8.03
N TYR A 201 19.79 12.82 -7.41
CA TYR A 201 21.08 12.50 -8.09
C TYR A 201 20.88 11.38 -9.11
N GLU A 202 20.23 10.29 -8.69
CA GLU A 202 19.90 9.11 -9.54
C GLU A 202 18.94 9.53 -10.66
N MET A 203 17.95 10.37 -10.36
CA MET A 203 16.95 10.89 -11.34
C MET A 203 17.66 11.74 -12.42
N ALA A 204 18.56 12.62 -12.01
CA ALA A 204 19.42 13.45 -12.90
C ALA A 204 20.18 12.56 -13.88
N ALA A 205 20.65 11.38 -13.43
CA ALA A 205 21.45 10.43 -14.22
C ALA A 205 20.65 9.92 -15.44
N ARG A 206 19.32 9.81 -15.31
CA ARG A 206 18.41 9.32 -16.39
C ARG A 206 17.72 10.53 -17.05
N GLY A 207 18.50 11.50 -17.54
CA GLY A 207 18.02 12.67 -18.30
C GLY A 207 17.50 13.80 -17.40
N LYS A 208 18.07 15.00 -17.54
CA LYS A 208 17.69 16.23 -16.81
C LYS A 208 16.23 16.59 -17.11
N LYS A 209 15.83 16.60 -18.38
CA LYS A 209 14.45 16.96 -18.83
C LYS A 209 13.45 16.07 -18.09
N LEU A 210 13.66 14.75 -18.15
CA LEU A 210 12.73 13.75 -17.55
C LEU A 210 12.76 13.88 -16.03
N SER A 211 13.89 14.27 -15.45
CA SER A 211 14.09 14.41 -13.98
C SER A 211 13.19 15.52 -13.41
N PHE A 212 13.19 16.71 -14.00
CA PHE A 212 12.37 17.86 -13.52
C PHE A 212 10.88 17.55 -13.72
N GLU A 213 10.56 16.93 -14.86
CA GLU A 213 9.19 16.56 -15.30
C GLU A 213 8.60 15.59 -14.26
N THR A 214 9.38 14.59 -13.86
CA THR A 214 8.99 13.57 -12.85
C THR A 214 8.80 14.25 -11.49
N ALA A 215 9.75 15.07 -11.03
CA ALA A 215 9.65 15.81 -9.76
C ALA A 215 8.33 16.61 -9.72
N ARG A 216 7.96 17.29 -10.81
CA ARG A 216 6.72 18.12 -10.84
C ARG A 216 5.48 17.22 -10.77
N PHE A 217 5.50 16.06 -11.41
CA PHE A 217 4.35 15.11 -11.39
C PHE A 217 4.21 14.50 -9.97
N ILE A 218 5.33 14.16 -9.33
CA ILE A 218 5.32 13.65 -7.93
C ILE A 218 4.69 14.73 -7.04
N LYS A 219 5.05 16.00 -7.21
CA LYS A 219 4.50 17.13 -6.44
C LYS A 219 2.97 17.18 -6.60
N PHE A 220 2.46 16.92 -7.81
CA PHE A 220 1.00 16.89 -8.11
C PHE A 220 0.35 15.75 -7.32
N ILE A 221 0.94 14.55 -7.37
CA ILE A 221 0.42 13.36 -6.64
C ILE A 221 0.28 13.70 -5.15
N VAL A 222 1.33 14.25 -4.53
CA VAL A 222 1.38 14.44 -3.05
C VAL A 222 0.68 15.75 -2.67
N THR A 223 0.08 16.46 -3.64
CA THR A 223 -0.74 17.67 -3.38
C THR A 223 -2.23 17.33 -3.55
N GLU A 224 -2.59 16.64 -4.64
CA GLU A 224 -3.98 16.53 -5.15
C GLU A 224 -4.53 15.10 -5.04
N ILE A 225 -3.67 14.07 -4.98
CA ILE A 225 -4.07 12.64 -4.99
C ILE A 225 -3.89 12.05 -3.58
N PHE A 226 -2.70 12.20 -2.99
CA PHE A 226 -2.37 11.75 -1.61
C PHE A 226 -1.84 12.94 -0.83
N PRO A 227 -2.70 13.91 -0.43
CA PRO A 227 -2.23 15.12 0.24
C PRO A 227 -1.38 14.77 1.46
N GLY A 228 -0.24 15.44 1.62
CA GLY A 228 0.70 15.21 2.75
C GLY A 228 1.58 13.98 2.53
N GLY A 229 1.35 13.22 1.45
CA GLY A 229 2.14 12.04 1.10
C GLY A 229 3.61 12.39 0.87
N ARG A 230 4.51 11.43 0.97
CA ARG A 230 5.92 11.61 0.55
C ARG A 230 6.50 10.26 0.15
N LEU A 231 6.89 10.13 -1.12
CA LEU A 231 7.51 8.89 -1.63
C LEU A 231 8.87 8.70 -0.97
N PRO A 232 9.16 7.52 -0.40
CA PRO A 232 10.53 7.17 -0.06
C PRO A 232 11.24 6.71 -1.34
N SER A 233 12.53 6.42 -1.22
CA SER A 233 13.28 5.62 -2.21
C SER A 233 13.33 4.19 -1.69
N THR A 234 13.54 3.22 -2.57
CA THR A 234 13.82 1.82 -2.17
C THR A 234 14.97 1.85 -1.18
N GLU A 235 16.04 2.59 -1.47
CA GLU A 235 17.25 2.65 -0.61
C GLU A 235 16.87 3.09 0.81
N MET A 236 16.01 4.10 0.97
CA MET A 236 15.53 4.57 2.29
C MET A 236 14.82 3.43 3.02
N MET A 237 13.88 2.77 2.36
CA MET A 237 13.11 1.62 2.90
C MET A 237 14.09 0.56 3.43
N VAL A 238 15.13 0.25 2.67
CA VAL A 238 16.12 -0.82 3.03
C VAL A 238 16.95 -0.34 4.22
N GLU A 239 17.52 0.86 4.15
CA GLU A 239 18.56 1.34 5.10
C GLU A 239 17.93 1.66 6.45
N HIS A 240 16.71 2.21 6.48
CA HIS A 240 15.97 2.45 7.74
C HIS A 240 15.67 1.10 8.42
N GLY A 241 15.34 0.06 7.63
CA GLY A 241 15.11 -1.30 8.14
C GLY A 241 16.37 -1.87 8.77
N GLU A 242 17.52 -1.73 8.10
CA GLU A 242 18.81 -2.27 8.59
C GLU A 242 19.22 -1.56 9.88
N LYS A 243 19.01 -0.24 9.96
CA LYS A 243 19.39 0.57 11.15
C LYS A 243 18.63 0.01 12.36
N ALA A 244 17.40 -0.45 12.17
CA ALA A 244 16.52 -0.99 13.24
C ALA A 244 16.96 -2.40 13.66
N GLY A 245 17.77 -3.08 12.84
CA GLY A 245 18.34 -4.41 13.13
C GLY A 245 17.85 -5.50 12.19
N PHE A 246 16.98 -5.18 11.22
CA PHE A 246 16.45 -6.15 10.24
C PHE A 246 17.52 -6.54 9.22
N THR A 247 17.46 -7.81 8.82
CA THR A 247 18.05 -8.36 7.57
C THR A 247 17.10 -8.01 6.42
N VAL A 248 17.62 -7.44 5.33
CA VAL A 248 16.77 -6.98 4.19
C VAL A 248 17.33 -7.61 2.91
N PRO A 249 16.69 -8.69 2.43
CA PRO A 249 17.06 -9.29 1.14
C PRO A 249 16.68 -8.33 0.00
N GLU A 250 17.05 -8.69 -1.22
CA GLU A 250 16.81 -7.82 -2.41
C GLU A 250 15.31 -7.56 -2.53
N PRO A 251 14.88 -6.28 -2.49
CA PRO A 251 13.47 -5.94 -2.69
C PRO A 251 12.93 -6.42 -4.06
N LEU A 252 11.67 -6.83 -4.09
CA LEU A 252 10.98 -7.22 -5.35
C LEU A 252 10.41 -5.96 -5.99
N SER A 253 10.79 -5.69 -7.24
CA SER A 253 10.17 -4.62 -8.06
C SER A 253 8.83 -5.13 -8.59
N LEU A 254 7.74 -4.37 -8.43
CA LEU A 254 6.40 -4.69 -9.00
C LEU A 254 6.08 -3.76 -10.20
N ARG A 255 7.08 -3.03 -10.72
CA ARG A 255 6.89 -1.98 -11.76
C ARG A 255 5.97 -2.48 -12.88
N PRO A 256 6.27 -3.62 -13.56
CA PRO A 256 5.44 -4.06 -14.68
C PRO A 256 4.00 -4.40 -14.27
N HIS A 257 3.80 -4.85 -13.04
CA HIS A 257 2.46 -5.16 -12.47
C HIS A 257 1.71 -3.85 -12.20
N TYR A 258 2.38 -2.78 -11.77
CA TYR A 258 1.70 -1.49 -11.51
C TYR A 258 1.28 -0.86 -12.85
N ILE A 259 2.14 -0.97 -13.88
CA ILE A 259 1.82 -0.47 -15.24
C ILE A 259 0.48 -1.08 -15.67
N LYS A 260 0.34 -2.41 -15.59
CA LYS A 260 -0.90 -3.14 -15.96
C LYS A 260 -2.06 -2.69 -15.07
N THR A 261 -1.84 -2.53 -13.77
CA THR A 261 -2.89 -2.12 -12.79
C THR A 261 -3.41 -0.73 -13.19
N LEU A 262 -2.51 0.22 -13.41
CA LEU A 262 -2.87 1.64 -13.68
C LEU A 262 -3.56 1.75 -15.04
N ARG A 263 -3.21 0.87 -15.99
CA ARG A 263 -3.84 0.81 -17.34
C ARG A 263 -5.31 0.44 -17.17
N ILE A 264 -5.58 -0.63 -16.42
CA ILE A 264 -6.95 -1.15 -16.17
C ILE A 264 -7.73 -0.09 -15.37
N TRP A 265 -7.14 0.48 -14.32
CA TRP A 265 -7.80 1.55 -13.52
C TRP A 265 -8.21 2.70 -14.44
N GLY A 266 -7.25 3.22 -15.23
CA GLY A 266 -7.47 4.32 -16.18
C GLY A 266 -8.57 4.00 -17.18
N ASP A 267 -8.49 2.82 -17.80
CA ASP A 267 -9.48 2.36 -18.81
C ASP A 267 -10.85 2.22 -18.14
N THR A 268 -10.90 1.72 -16.90
CA THR A 268 -12.16 1.52 -16.15
C THR A 268 -12.79 2.87 -15.81
N LEU A 269 -12.00 3.82 -15.30
CA LEU A 269 -12.51 5.18 -14.94
C LEU A 269 -13.07 5.84 -16.20
N GLN A 270 -12.36 5.73 -17.32
CA GLN A 270 -12.74 6.30 -18.65
C GLN A 270 -14.10 5.72 -19.07
N SER A 271 -14.28 4.40 -18.98
CA SER A 271 -15.53 3.70 -19.35
C SER A 271 -16.69 4.18 -18.47
N ASN A 272 -16.42 4.67 -17.27
CA ASN A 272 -17.43 5.13 -16.27
C ASN A 272 -17.42 6.65 -16.11
N LYS A 273 -16.91 7.38 -17.12
CA LYS A 273 -16.70 8.85 -17.07
C LYS A 273 -17.96 9.55 -16.56
N ASP A 274 -19.10 9.30 -17.21
CA ASP A 274 -20.39 9.99 -16.94
C ASP A 274 -20.75 9.80 -15.46
N LYS A 275 -20.75 8.55 -14.99
N LYS A 275 -20.76 8.56 -14.98
CA LYS A 275 -21.11 8.17 -13.60
CA LYS A 275 -21.13 8.22 -13.58
C LYS A 275 -20.13 8.83 -12.62
C LYS A 275 -20.12 8.87 -12.62
N ALA A 276 -18.83 8.85 -12.96
CA ALA A 276 -17.75 9.43 -12.12
C ALA A 276 -18.01 10.93 -11.91
N ILE A 277 -18.39 11.64 -12.98
CA ILE A 277 -18.67 13.11 -12.95
C ILE A 277 -19.91 13.36 -12.08
N GLU A 278 -21.00 12.61 -12.31
CA GLU A 278 -22.26 12.72 -11.52
C GLU A 278 -21.94 12.60 -10.02
N VAL A 279 -21.08 11.65 -9.64
CA VAL A 279 -20.75 11.33 -8.22
C VAL A 279 -19.86 12.45 -7.63
N THR A 280 -18.97 13.06 -8.42
CA THR A 280 -18.03 14.12 -7.97
C THR A 280 -18.17 15.36 -8.85
N SER A 281 -17.30 15.50 -9.86
CA SER A 281 -17.25 16.65 -10.80
C SER A 281 -16.32 16.32 -11.97
N GLU A 282 -16.32 17.13 -13.03
CA GLU A 282 -15.38 16.97 -14.17
C GLU A 282 -13.94 17.18 -13.66
N GLU A 283 -13.75 18.16 -12.77
CA GLU A 283 -12.46 18.45 -12.09
C GLU A 283 -11.87 17.16 -11.52
N VAL A 284 -12.64 16.43 -10.70
CA VAL A 284 -12.14 15.22 -9.98
C VAL A 284 -11.86 14.11 -11.00
N TYR A 285 -12.72 13.93 -12.03
CA TYR A 285 -12.51 12.92 -13.10
C TYR A 285 -11.18 13.18 -13.81
N ASN A 286 -10.96 14.43 -14.25
CA ASN A 286 -9.75 14.86 -15.00
C ASN A 286 -8.52 14.65 -14.11
N ARG A 287 -8.63 15.01 -12.82
CA ARG A 287 -7.54 14.87 -11.82
C ARG A 287 -7.10 13.41 -11.77
N TYR A 288 -8.05 12.47 -11.73
CA TYR A 288 -7.75 11.03 -11.52
C TYR A 288 -7.30 10.41 -12.85
N MET A 289 -7.85 10.85 -13.99
CA MET A 289 -7.36 10.35 -15.31
C MET A 289 -5.89 10.79 -15.50
N LYS A 290 -5.57 12.04 -15.17
CA LYS A 290 -4.19 12.61 -15.17
C LYS A 290 -3.28 11.76 -14.29
N TYR A 291 -3.72 11.45 -13.07
CA TYR A 291 -2.96 10.64 -12.09
C TYR A 291 -2.68 9.25 -12.67
N LEU A 292 -3.75 8.56 -13.12
CA LEU A 292 -3.71 7.15 -13.58
C LEU A 292 -2.89 7.04 -14.87
N ARG A 293 -3.15 7.89 -15.87
CA ARG A 293 -2.39 7.91 -17.15
C ARG A 293 -0.95 8.33 -16.87
N GLY A 294 -0.76 9.36 -16.02
CA GLY A 294 0.57 9.92 -15.70
C GLY A 294 1.43 8.89 -14.98
N CYS A 295 0.91 8.26 -13.94
CA CYS A 295 1.64 7.21 -13.19
C CYS A 295 2.07 6.09 -14.13
N GLU A 296 1.15 5.62 -14.98
CA GLU A 296 1.45 4.55 -15.97
C GLU A 296 2.67 4.99 -16.79
N HIS A 297 2.68 6.26 -17.19
CA HIS A 297 3.75 6.84 -18.07
C HIS A 297 5.08 6.80 -17.34
N TYR A 298 5.15 7.36 -16.12
CA TYR A 298 6.43 7.52 -15.36
C TYR A 298 6.91 6.16 -14.84
N PHE A 299 6.00 5.21 -14.59
CA PHE A 299 6.38 3.79 -14.28
C PHE A 299 7.02 3.16 -15.53
N THR A 300 6.41 3.35 -16.69
CA THR A 300 6.93 2.86 -18.00
C THR A 300 8.32 3.45 -18.25
N ASP A 301 8.52 4.74 -17.97
CA ASP A 301 9.80 5.48 -18.20
C ASP A 301 10.80 5.22 -17.06
N GLU A 302 10.43 4.42 -16.05
CA GLU A 302 11.33 3.91 -14.98
C GLU A 302 11.83 5.08 -14.11
N MET A 303 10.97 6.07 -13.88
CA MET A 303 11.23 7.23 -12.98
C MET A 303 10.47 7.03 -11.66
N LEU A 304 9.53 6.09 -11.64
CA LEU A 304 8.84 5.57 -10.44
C LEU A 304 9.00 4.04 -10.41
N ASP A 305 8.94 3.46 -9.21
CA ASP A 305 8.97 1.99 -8.99
C ASP A 305 7.99 1.68 -7.87
N CYS A 306 7.74 0.39 -7.66
CA CYS A 306 6.97 -0.15 -6.53
C CYS A 306 7.75 -1.33 -5.96
N SER A 307 8.15 -1.22 -4.70
CA SER A 307 9.06 -2.16 -4.01
C SER A 307 8.27 -2.93 -2.95
N LEU A 308 8.36 -4.25 -3.01
CA LEU A 308 7.93 -5.16 -1.91
C LEU A 308 9.21 -5.57 -1.17
N VAL A 309 9.39 -4.99 0.02
CA VAL A 309 10.62 -5.14 0.86
C VAL A 309 10.28 -6.09 1.99
N THR A 310 11.11 -7.10 2.19
CA THR A 310 11.00 -8.08 3.29
C THR A 310 12.03 -7.69 4.37
N TYR A 311 11.56 -7.63 5.63
CA TYR A 311 12.37 -7.33 6.83
C TYR A 311 12.37 -8.56 7.73
N LEU A 312 13.54 -9.16 7.95
CA LEU A 312 13.72 -10.38 8.77
C LEU A 312 14.46 -10.03 10.06
N LYS A 313 13.93 -10.42 11.22
CA LYS A 313 14.64 -10.24 12.49
C LYS A 313 15.77 -11.26 12.54
N PRO A 314 16.83 -11.02 13.34
CA PRO A 314 17.97 -11.94 13.41
C PRO A 314 17.58 -13.42 13.57
N GLY A 315 16.52 -13.69 14.34
CA GLY A 315 16.11 -15.07 14.68
C GLY A 315 15.11 -15.65 13.71
N ALA A 316 14.79 -14.95 12.61
CA ALA A 316 13.80 -15.40 11.61
C ALA A 316 14.21 -16.79 11.07
N ALA A 317 13.24 -17.65 10.72
CA ALA A 317 13.48 -18.97 10.12
C ALA A 317 14.17 -18.81 8.77
N ALA A 318 15.03 -19.74 8.38
CA ALA A 318 15.79 -19.73 7.10
C ALA A 318 14.89 -20.26 5.96
S DMS B . -1.73 2.98 9.67
O DMS B . -0.91 3.84 10.57
C1 DMS B . -3.43 3.37 10.00
C2 DMS B . -1.63 3.73 8.06
S DMS C . -9.01 11.06 -1.12
O DMS C . -7.78 11.92 -1.24
C1 DMS C . -8.43 9.38 -1.03
C2 DMS C . -9.56 11.21 0.58
S DMS D . -10.01 4.37 -0.67
O DMS D . -9.62 3.60 -1.88
C1 DMS D . -9.31 6.00 -0.85
C2 DMS D . -11.71 4.83 -0.92
C01 3AV E . 1.28 9.05 -0.23
C02 3AV E . 1.66 7.05 -4.06
C03 3AV E . 0.90 6.44 -3.03
C04 3AV E . 2.65 6.91 -6.40
C05 3AV E . 3.10 8.94 -4.93
C06 3AV E . 2.14 8.93 -2.58
C07 3AV E . 3.29 8.23 -6.19
O01 3AV E . 1.79 6.35 -5.39
C08 3AV E . 1.40 8.36 -1.58
C09 3AV E . 2.28 8.29 -3.83
C 3AV E . 0.77 7.10 -1.79
O 3AV E . 2.84 6.31 -7.42
C01 3AV F . -18.06 0.31 1.76
C02 3AV F . -17.51 -3.15 -0.81
C03 3AV F . -18.79 -2.59 -0.65
C04 3AV F . -16.09 -5.13 -1.53
C05 3AV F . -15.05 -3.18 -0.29
C06 3AV F . -16.61 -1.45 0.70
C07 3AV F . -14.93 -4.53 -0.81
O01 3AV F . -17.30 -4.34 -1.69
C08 3AV F . -17.86 -0.90 0.87
C09 3AV F . -16.41 -2.58 -0.13
C 3AV F . -18.98 -1.47 0.18
O 3AV F . -16.03 -6.23 -1.97
#